data_3R6L
#
_entry.id   3R6L
#
_cell.length_a   62.912
_cell.length_b   97.063
_cell.length_c   98.257
_cell.angle_alpha   90.00
_cell.angle_beta   90.00
_cell.angle_gamma   90.00
#
_symmetry.space_group_name_H-M   'P 21 21 21'
#
loop_
_entity.id
_entity.type
_entity.pdbx_description
1 polymer 'Caspase-2 subunit p18'
2 polymer 'Caspase-2 subunit p12'
3 polymer 'Peptide Inhibitor (ACE)VDVAD-CHO'
4 water water
#
loop_
_entity_poly.entity_id
_entity_poly.type
_entity_poly.pdbx_seq_one_letter_code
_entity_poly.pdbx_strand_id
1 'polypeptide(L)'
;MQVKPCTPEFYQTHFQLAYRLQSRPRGLALVLSNVHFTGEKELEFRSGGDVDHSTLVTLFKLLGYDVHVLCDQTAQEMQE
KLQNFAQLPAHRVTDSCIVALLSHGVEGAIYGVDGKLLQLQEVFQLFDNANCPSLQNKPKMFFIQACRGDETDRGVDQQD
;
A,C
2 'polypeptide(L)'
;GKEKLPKMRLPTRSDMICGYACLKGTAAMRNAKRGSWYIEALAQVFSERACDMHVADMLVKVNALIKDREGYAPGTEFHR
CKEMSEYCSTLCRHLYLFPGHPPTLEHHHHHH
;
B,D
3 'polypeptide(L)' (ACE)VDVA(ASA) F,E
#
# COMPACT_ATOMS: atom_id res chain seq x y z
N MET A 1 7.01 -22.73 16.88
CA MET A 1 7.41 -21.41 16.34
C MET A 1 8.47 -20.76 17.21
N GLN A 2 9.45 -20.16 16.55
CA GLN A 2 10.47 -19.38 17.22
C GLN A 2 10.71 -18.11 16.42
N VAL A 3 10.91 -17.01 17.12
CA VAL A 3 11.28 -15.74 16.50
C VAL A 3 12.73 -15.46 16.85
N LYS A 4 13.58 -15.50 15.83
CA LYS A 4 14.98 -15.12 15.97
C LYS A 4 15.07 -13.68 16.52
N PRO A 5 15.84 -13.46 17.61
CA PRO A 5 16.00 -12.08 18.11
C PRO A 5 16.88 -11.25 17.19
N CYS A 6 16.70 -9.93 17.19
CA CYS A 6 17.64 -9.09 16.46
CA CYS A 6 17.63 -9.06 16.48
C CYS A 6 18.92 -8.96 17.28
N THR A 7 20.02 -8.59 16.63
CA THR A 7 21.31 -8.44 17.34
C THR A 7 21.40 -7.03 17.92
N PRO A 8 22.21 -6.85 18.99
CA PRO A 8 22.44 -5.49 19.48
C PRO A 8 22.99 -4.56 18.40
N GLU A 9 23.83 -5.09 17.52
CA GLU A 9 24.43 -4.27 16.47
C GLU A 9 23.37 -3.83 15.47
N PHE A 10 22.45 -4.72 15.13
CA PHE A 10 21.37 -4.37 14.20
C PHE A 10 20.56 -3.19 14.77
N TYR A 11 20.14 -3.32 16.02
CA TYR A 11 19.43 -2.25 16.72
C TYR A 11 20.21 -0.93 16.67
N GLN A 12 21.47 -0.97 17.10
CA GLN A 12 22.29 0.24 17.09
C GLN A 12 22.39 0.91 15.72
N THR A 13 22.44 0.12 14.65
CA THR A 13 22.61 0.70 13.32
C THR A 13 21.29 1.07 12.64
N HIS A 14 20.14 0.70 13.24
CA HIS A 14 18.84 0.98 12.60
C HIS A 14 17.82 1.82 13.38
N PHE A 15 18.01 1.97 14.68
CA PHE A 15 16.97 2.59 15.52
C PHE A 15 16.76 4.07 15.23
N GLN A 16 17.81 4.78 14.82
CA GLN A 16 17.69 6.20 14.54
C GLN A 16 16.78 6.51 13.34
N LEU A 17 16.67 5.60 12.39
CA LEU A 17 15.82 5.86 11.20
C LEU A 17 14.57 4.95 11.14
N ALA A 18 14.10 4.56 12.32
CA ALA A 18 12.91 3.75 12.39
C ALA A 18 12.02 4.33 13.47
N TYR A 19 10.75 3.94 13.49
CA TYR A 19 9.88 4.28 14.59
C TYR A 19 10.51 3.77 15.88
N ARG A 20 10.33 4.53 16.95
CA ARG A 20 10.75 4.08 18.27
C ARG A 20 9.95 2.82 18.61
N LEU A 21 10.65 1.72 18.96
CA LEU A 21 9.96 0.47 19.19
C LEU A 21 10.75 -0.38 20.19
N GLN A 22 10.70 0.06 21.44
CA GLN A 22 11.49 -0.60 22.49
C GLN A 22 10.70 -0.83 23.78
N SER A 23 9.45 -0.39 23.80
CA SER A 23 8.63 -0.61 24.98
C SER A 23 8.44 -2.09 25.27
N ARG A 24 8.18 -2.43 26.53
CA ARG A 24 7.85 -3.79 26.89
C ARG A 24 6.55 -3.77 27.69
N PRO A 25 5.44 -4.30 27.14
CA PRO A 25 5.27 -4.93 25.82
C PRO A 25 5.45 -3.93 24.66
N ARG A 26 5.75 -4.44 23.48
CA ARG A 26 5.93 -3.60 22.29
C ARG A 26 4.62 -2.90 21.95
N GLY A 27 3.51 -3.43 22.44
CA GLY A 27 2.20 -2.94 22.07
C GLY A 27 1.17 -3.95 22.53
N LEU A 28 -0.09 -3.56 22.44
CA LEU A 28 -1.20 -4.49 22.57
C LEU A 28 -1.50 -5.01 21.18
N ALA A 29 -1.95 -6.25 21.09
CA ALA A 29 -2.41 -6.84 19.83
C ALA A 29 -3.80 -7.40 20.04
N LEU A 30 -4.67 -7.20 19.07
CA LEU A 30 -5.98 -7.81 19.10
C LEU A 30 -6.10 -8.79 17.96
N VAL A 31 -6.52 -10.02 18.26
CA VAL A 31 -6.84 -11.02 17.24
C VAL A 31 -8.34 -11.34 17.37
N LEU A 32 -9.11 -10.94 16.36
CA LEU A 32 -10.55 -11.12 16.34
C LEU A 32 -10.87 -12.07 15.21
N SER A 33 -11.33 -13.28 15.54
CA SER A 33 -11.68 -14.30 14.55
C SER A 33 -13.15 -14.69 14.61
N ASN A 34 -13.81 -14.66 13.44
CA ASN A 34 -15.17 -15.16 13.27
C ASN A 34 -15.10 -16.37 12.40
N VAL A 35 -15.65 -17.48 12.87
CA VAL A 35 -15.51 -18.77 12.21
C VAL A 35 -16.89 -19.43 11.94
N HIS A 36 -17.84 -19.23 12.88
CA HIS A 36 -19.23 -19.73 12.75
C HIS A 36 -20.21 -18.62 12.34
N PHE A 37 -20.95 -18.80 11.24
CA PHE A 37 -21.90 -17.80 10.74
C PHE A 37 -23.38 -18.31 10.56
N THR A 38 -23.93 -18.10 9.36
CA THR A 38 -25.38 -18.18 9.05
C THR A 38 -25.74 -19.40 8.18
N LEU A 43 -22.51 -17.66 3.89
CA LEU A 43 -21.36 -17.54 4.78
C LEU A 43 -21.11 -18.87 5.48
N GLU A 44 -20.27 -19.70 4.88
CA GLU A 44 -19.99 -21.04 5.38
C GLU A 44 -19.03 -20.99 6.57
N PHE A 45 -19.05 -22.05 7.38
CA PHE A 45 -18.07 -22.24 8.45
C PHE A 45 -16.65 -22.08 7.92
N ARG A 46 -15.86 -21.29 8.63
CA ARG A 46 -14.48 -21.06 8.21
C ARG A 46 -13.53 -22.11 8.76
N SER A 47 -13.52 -23.26 8.10
CA SER A 47 -12.63 -24.36 8.42
C SER A 47 -11.17 -23.88 8.30
N GLY A 48 -10.35 -24.19 9.31
CA GLY A 48 -8.97 -23.73 9.33
C GLY A 48 -8.75 -22.40 10.03
N GLY A 49 -9.84 -21.65 10.26
CA GLY A 49 -9.76 -20.38 10.99
C GLY A 49 -9.22 -20.53 12.40
N ASP A 50 -9.46 -21.70 13.00
CA ASP A 50 -8.85 -22.04 14.30
C ASP A 50 -7.32 -22.11 14.23
N VAL A 51 -6.78 -22.68 13.16
CA VAL A 51 -5.33 -22.69 12.94
C VAL A 51 -4.77 -21.26 12.79
N ASP A 52 -5.44 -20.44 11.97
CA ASP A 52 -5.07 -19.02 11.78
C ASP A 52 -4.99 -18.29 13.12
N HIS A 53 -6.06 -18.42 13.90
CA HIS A 53 -6.16 -17.72 15.18
C HIS A 53 -5.00 -18.09 16.11
N SER A 54 -4.82 -19.40 16.32
CA SER A 54 -3.75 -19.96 17.13
CA SER A 54 -3.76 -19.93 17.15
C SER A 54 -2.38 -19.46 16.68
N THR A 55 -2.15 -19.48 15.37
CA THR A 55 -0.89 -19.04 14.81
C THR A 55 -0.59 -17.59 15.11
N LEU A 56 -1.57 -16.72 14.94
CA LEU A 56 -1.33 -15.30 15.18
C LEU A 56 -1.15 -14.98 16.66
N VAL A 57 -1.94 -15.61 17.52
CA VAL A 57 -1.80 -15.39 18.96
C VAL A 57 -0.38 -15.76 19.35
N THR A 58 0.08 -16.90 18.87
CA THR A 58 1.44 -17.33 19.19
C THR A 58 2.48 -16.38 18.64
N LEU A 59 2.32 -15.99 17.37
CA LEU A 59 3.28 -15.07 16.74
C LEU A 59 3.38 -13.74 17.48
N PHE A 60 2.25 -13.10 17.70
CA PHE A 60 2.27 -11.79 18.32
C PHE A 60 2.83 -11.82 19.74
N LYS A 61 2.48 -12.85 20.51
CA LYS A 61 3.14 -13.08 21.79
C LYS A 61 4.68 -13.16 21.69
N LEU A 62 5.18 -13.94 20.73
CA LEU A 62 6.63 -14.10 20.53
C LEU A 62 7.33 -12.82 20.05
N LEU A 63 6.57 -11.95 19.39
CA LEU A 63 7.05 -10.63 18.97
C LEU A 63 6.96 -9.59 20.09
N GLY A 64 6.52 -10.03 21.26
CA GLY A 64 6.56 -9.17 22.46
C GLY A 64 5.31 -8.31 22.66
N TYR A 65 4.18 -8.71 22.08
CA TYR A 65 2.89 -8.02 22.26
C TYR A 65 2.03 -8.67 23.35
N ASP A 66 1.22 -7.87 24.03
CA ASP A 66 0.20 -8.43 24.95
C ASP A 66 -1.05 -8.61 24.12
N VAL A 67 -1.46 -9.87 23.96
CA VAL A 67 -2.47 -10.23 22.97
C VAL A 67 -3.85 -10.36 23.60
N HIS A 68 -4.81 -9.68 23.00
CA HIS A 68 -6.22 -9.76 23.40
C HIS A 68 -6.91 -10.58 22.32
N VAL A 69 -7.91 -11.36 22.68
CA VAL A 69 -8.55 -12.23 21.70
C VAL A 69 -10.06 -12.09 21.77
N LEU A 70 -10.69 -12.12 20.61
CA LEU A 70 -12.14 -12.16 20.54
C LEU A 70 -12.53 -13.17 19.47
N CYS A 71 -13.60 -13.92 19.72
CA CYS A 71 -14.06 -14.95 18.78
C CYS A 71 -15.56 -14.85 18.56
N ASP A 72 -15.98 -15.06 17.30
CA ASP A 72 -17.41 -15.11 16.93
C ASP A 72 -18.27 -13.96 17.45
N GLN A 73 -17.97 -12.76 16.95
CA GLN A 73 -18.65 -11.56 17.36
C GLN A 73 -19.59 -11.03 16.26
N THR A 74 -20.72 -10.48 16.69
CA THR A 74 -21.62 -9.79 15.77
C THR A 74 -20.97 -8.50 15.29
N ALA A 75 -21.47 -7.92 14.22
CA ALA A 75 -20.91 -6.66 13.72
C ALA A 75 -20.96 -5.56 14.78
N GLN A 76 -22.04 -5.56 15.56
CA GLN A 76 -22.19 -4.56 16.61
C GLN A 76 -21.19 -4.82 17.73
N GLU A 77 -20.99 -6.08 18.09
CA GLU A 77 -20.01 -6.44 19.11
C GLU A 77 -18.59 -6.08 18.66
N MET A 78 -18.27 -6.34 17.38
CA MET A 78 -16.95 -5.94 16.83
C MET A 78 -16.69 -4.45 16.95
N GLN A 79 -17.67 -3.63 16.55
CA GLN A 79 -17.50 -2.18 16.60
C GLN A 79 -17.23 -1.73 18.05
N GLU A 80 -18.07 -2.19 18.98
CA GLU A 80 -18.01 -1.77 20.37
C GLU A 80 -16.70 -2.19 21.04
N LYS A 81 -16.27 -3.42 20.75
CA LYS A 81 -15.10 -3.98 21.37
C LYS A 81 -13.81 -3.46 20.73
N LEU A 82 -13.86 -3.13 19.44
CA LEU A 82 -12.69 -2.49 18.82
C LEU A 82 -12.51 -1.12 19.40
N GLN A 83 -13.63 -0.42 19.64
CA GLN A 83 -13.55 0.89 20.24
C GLN A 83 -12.99 0.79 21.68
N ASN A 84 -13.47 -0.19 22.45
CA ASN A 84 -12.96 -0.40 23.82
C ASN A 84 -11.46 -0.61 23.77
N PHE A 85 -11.05 -1.46 22.83
CA PHE A 85 -9.64 -1.79 22.68
C PHE A 85 -8.80 -0.56 22.32
N ALA A 86 -9.27 0.26 21.37
CA ALA A 86 -8.52 1.45 20.98
C ALA A 86 -8.43 2.48 22.13
N GLN A 87 -9.39 2.40 23.07
CA GLN A 87 -9.44 3.37 24.17
C GLN A 87 -8.68 2.91 25.43
N LEU A 88 -8.09 1.72 25.37
CA LEU A 88 -7.34 1.22 26.53
C LEU A 88 -6.17 2.14 26.91
N PRO A 89 -5.96 2.34 28.23
CA PRO A 89 -4.87 3.22 28.67
C PRO A 89 -3.48 2.74 28.34
N ALA A 90 -3.29 1.43 28.14
CA ALA A 90 -1.95 0.93 27.87
C ALA A 90 -1.29 1.57 26.64
N HIS A 91 -2.12 2.07 25.71
CA HIS A 91 -1.56 2.57 24.45
C HIS A 91 -0.64 3.76 24.65
N ARG A 92 -0.85 4.53 25.72
CA ARG A 92 0.03 5.67 25.99
C ARG A 92 1.48 5.28 26.24
N VAL A 93 1.70 4.13 26.87
CA VAL A 93 3.07 3.74 27.24
C VAL A 93 3.68 2.63 26.39
N THR A 94 2.96 2.19 25.36
CA THR A 94 3.51 1.21 24.43
C THR A 94 3.95 1.98 23.18
N ASP A 95 4.67 1.31 22.28
CA ASP A 95 5.21 2.01 21.15
C ASP A 95 4.51 1.71 19.80
N SER A 96 3.57 0.76 19.79
CA SER A 96 2.91 0.32 18.55
C SER A 96 1.59 -0.40 18.88
N CYS A 97 0.84 -0.82 17.86
CA CYS A 97 -0.41 -1.50 18.06
C CYS A 97 -0.62 -2.45 16.90
N ILE A 98 -1.20 -3.61 17.18
CA ILE A 98 -1.57 -4.60 16.14
C ILE A 98 -3.05 -5.00 16.23
N VAL A 99 -3.75 -5.00 15.10
CA VAL A 99 -5.12 -5.49 15.04
C VAL A 99 -5.24 -6.46 13.86
N ALA A 100 -5.65 -7.69 14.13
CA ALA A 100 -5.81 -8.69 13.09
C ALA A 100 -7.31 -9.06 13.07
N LEU A 101 -7.94 -8.98 11.92
CA LEU A 101 -9.36 -9.33 11.76
C LEU A 101 -9.48 -10.45 10.76
N LEU A 102 -10.20 -11.53 11.13
CA LEU A 102 -10.26 -12.72 10.33
C LEU A 102 -11.71 -13.16 10.26
N SER A 103 -12.29 -13.11 9.07
CA SER A 103 -13.73 -13.38 8.89
C SER A 103 -14.02 -13.47 7.40
N HIS A 104 -15.33 -13.57 7.06
CA HIS A 104 -15.76 -13.36 5.69
C HIS A 104 -15.84 -11.86 5.52
N GLY A 105 -15.82 -11.42 4.26
CA GLY A 105 -15.95 -10.01 4.00
C GLY A 105 -16.37 -9.72 2.58
N VAL A 106 -16.48 -8.44 2.31
CA VAL A 106 -16.68 -7.90 0.97
C VAL A 106 -15.70 -6.76 0.84
N GLU A 107 -15.62 -6.17 -0.35
CA GLU A 107 -14.72 -5.04 -0.52
C GLU A 107 -15.06 -3.97 0.51
N GLY A 108 -14.06 -3.65 1.35
CA GLY A 108 -14.15 -2.55 2.30
C GLY A 108 -14.89 -2.86 3.59
N ALA A 109 -15.30 -4.10 3.80
CA ALA A 109 -16.08 -4.42 5.03
C ALA A 109 -15.90 -5.85 5.44
N ILE A 110 -16.12 -6.16 6.72
CA ILE A 110 -16.07 -7.54 7.14
C ILE A 110 -17.35 -7.95 7.88
N TYR A 111 -17.67 -9.22 7.81
CA TYR A 111 -18.90 -9.72 8.43
C TYR A 111 -18.76 -10.06 9.89
N GLY A 112 -19.78 -9.70 10.66
CA GLY A 112 -20.00 -10.29 11.98
C GLY A 112 -20.65 -11.64 11.81
N VAL A 113 -20.74 -12.40 12.90
CA VAL A 113 -21.33 -13.75 12.88
C VAL A 113 -22.84 -13.75 12.58
N ASP A 114 -23.45 -12.56 12.67
CA ASP A 114 -24.87 -12.37 12.35
C ASP A 114 -25.14 -12.04 10.86
N GLY A 115 -24.09 -12.02 10.04
CA GLY A 115 -24.19 -11.65 8.63
C GLY A 115 -24.34 -10.16 8.39
N LYS A 116 -24.05 -9.33 9.39
CA LYS A 116 -24.07 -7.90 9.20
C LYS A 116 -22.64 -7.43 8.99
N LEU A 117 -22.47 -6.30 8.31
CA LEU A 117 -21.16 -5.82 7.92
C LEU A 117 -20.65 -4.72 8.82
N LEU A 118 -19.34 -4.74 9.06
CA LEU A 118 -18.65 -3.61 9.67
C LEU A 118 -17.70 -3.00 8.63
N GLN A 119 -17.84 -1.70 8.38
CA GLN A 119 -16.99 -1.02 7.39
C GLN A 119 -15.56 -0.83 7.92
N LEU A 120 -14.56 -1.16 7.10
CA LEU A 120 -13.16 -1.03 7.53
C LEU A 120 -12.76 0.41 7.76
N GLN A 121 -13.35 1.34 7.01
CA GLN A 121 -13.12 2.76 7.28
C GLN A 121 -13.45 3.11 8.74
N GLU A 122 -14.54 2.55 9.25
CA GLU A 122 -14.97 2.74 10.64
C GLU A 122 -13.96 2.17 11.62
N VAL A 123 -13.39 1.02 11.27
CA VAL A 123 -12.36 0.40 12.09
C VAL A 123 -11.12 1.28 12.16
N PHE A 124 -10.57 1.66 11.01
CA PHE A 124 -9.37 2.52 11.00
C PHE A 124 -9.58 3.86 11.72
N GLN A 125 -10.76 4.42 11.58
CA GLN A 125 -11.03 5.69 12.22
C GLN A 125 -10.89 5.63 13.77
N LEU A 126 -11.23 4.48 14.36
CA LEU A 126 -11.10 4.27 15.81
C LEU A 126 -9.67 4.45 16.31
N PHE A 127 -8.70 4.21 15.42
CA PHE A 127 -7.27 4.23 15.76
C PHE A 127 -6.54 5.44 15.22
N ASP A 128 -7.28 6.38 14.63
CA ASP A 128 -6.66 7.54 14.01
C ASP A 128 -6.16 8.62 15.00
N ASN A 129 -5.55 9.67 14.48
CA ASN A 129 -4.97 10.72 15.34
C ASN A 129 -5.98 11.51 16.18
N ALA A 130 -7.21 11.64 15.68
CA ALA A 130 -8.28 12.33 16.40
C ALA A 130 -8.89 11.45 17.50
N ASN A 131 -9.22 10.20 17.16
CA ASN A 131 -9.96 9.34 18.09
C ASN A 131 -9.08 8.55 19.04
N CYS A 132 -7.83 8.36 18.66
CA CYS A 132 -6.89 7.60 19.50
C CYS A 132 -5.62 8.42 19.68
N PRO A 133 -5.72 9.52 20.44
CA PRO A 133 -4.50 10.35 20.65
C PRO A 133 -3.33 9.59 21.26
N SER A 134 -3.58 8.57 22.08
CA SER A 134 -2.49 7.82 22.72
C SER A 134 -1.59 7.10 21.70
N LEU A 135 -2.12 6.83 20.51
CA LEU A 135 -1.28 6.22 19.47
C LEU A 135 -0.74 7.20 18.41
N GLN A 136 -0.92 8.52 18.59
CA GLN A 136 -0.32 9.48 17.65
C GLN A 136 1.17 9.25 17.38
N ASN A 137 1.54 9.25 16.09
CA ASN A 137 2.94 9.14 15.66
C ASN A 137 3.52 7.75 15.89
N LYS A 138 2.66 6.82 16.36
CA LYS A 138 3.08 5.42 16.60
C LYS A 138 2.55 4.50 15.50
N PRO A 139 3.35 3.52 15.09
CA PRO A 139 2.97 2.63 14.02
C PRO A 139 1.82 1.72 14.43
N LYS A 140 0.83 1.63 13.57
CA LYS A 140 -0.40 0.85 13.81
C LYS A 140 -0.55 -0.12 12.65
N MET A 141 -0.43 -1.40 12.95
CA MET A 141 -0.51 -2.48 11.98
C MET A 141 -1.88 -3.14 11.99
N PHE A 142 -2.41 -3.41 10.81
CA PHE A 142 -3.71 -4.05 10.61
C PHE A 142 -3.47 -5.17 9.63
N PHE A 143 -3.98 -6.35 9.94
CA PHE A 143 -3.89 -7.49 9.01
C PHE A 143 -5.31 -8.00 8.84
N ILE A 144 -5.79 -8.04 7.59
CA ILE A 144 -7.19 -8.36 7.33
C ILE A 144 -7.29 -9.63 6.47
N GLN A 145 -7.70 -10.73 7.11
CA GLN A 145 -7.92 -12.01 6.45
C GLN A 145 -9.42 -12.13 6.19
N ALA A 146 -9.84 -11.68 5.01
CA ALA A 146 -11.25 -11.67 4.60
C ALA A 146 -11.31 -11.56 3.08
N CYS A 147 -12.30 -12.18 2.45
CA CYS A 147 -12.53 -11.93 1.01
C CYS A 147 -12.91 -10.46 0.78
N ARG A 148 -12.61 -9.96 -0.42
CA ARG A 148 -13.00 -8.62 -0.85
C ARG A 148 -13.91 -8.64 -2.10
N GLY A 149 -14.69 -9.71 -2.22
CA GLY A 149 -15.52 -9.93 -3.40
C GLY A 149 -15.62 -11.42 -3.62
N ASP A 150 -16.49 -11.82 -4.54
CA ASP A 150 -16.75 -13.22 -4.82
C ASP A 150 -16.06 -13.74 -6.09
N GLU A 151 -15.29 -12.89 -6.77
CA GLU A 151 -14.57 -13.34 -7.98
C GLU A 151 -13.35 -14.22 -7.65
N THR A 152 -13.42 -15.47 -8.11
CA THR A 152 -12.30 -16.42 -7.99
C THR A 152 -11.29 -16.08 -9.07
N ASP A 153 -10.01 -16.02 -8.71
CA ASP A 153 -8.99 -15.71 -9.71
C ASP A 153 -8.53 -17.01 -10.38
N ARG A 154 -8.82 -17.14 -11.67
CA ARG A 154 -8.53 -18.40 -12.39
C ARG A 154 -7.05 -18.58 -12.68
N GLY A 155 -6.30 -17.48 -12.62
CA GLY A 155 -4.88 -17.46 -12.96
C GLY A 155 -4.66 -17.34 -14.44
N VAL A 156 -3.48 -16.90 -14.84
CA VAL A 156 -3.14 -16.78 -16.26
C VAL A 156 -1.79 -17.39 -16.53
N ASP A 157 -1.66 -17.89 -17.75
CA ASP A 157 -0.40 -18.44 -18.23
C ASP A 157 0.68 -17.40 -18.40
N GLN A 158 1.87 -17.79 -17.98
CA GLN A 158 3.06 -16.99 -18.14
C GLN A 158 3.60 -17.15 -19.55
N GLN A 159 3.77 -16.03 -20.24
CA GLN A 159 4.08 -16.03 -21.67
C GLN A 159 5.53 -16.41 -21.96
N LYS B 7 2.72 25.41 16.00
CA LYS B 7 3.35 24.09 16.23
C LYS B 7 2.94 23.08 15.13
N MET B 8 3.77 22.07 14.89
CA MET B 8 3.44 20.95 13.99
C MET B 8 2.16 20.20 14.39
N ARG B 9 1.24 20.06 13.45
CA ARG B 9 0.00 19.33 13.69
C ARG B 9 -0.02 18.08 12.80
N LEU B 10 -1.03 17.23 13.01
CA LEU B 10 -1.10 15.95 12.30
C LEU B 10 -2.26 15.91 11.31
N PRO B 11 -2.09 15.13 10.22
CA PRO B 11 -3.29 14.75 9.49
C PRO B 11 -4.20 13.94 10.41
N THR B 12 -5.45 13.79 10.01
CA THR B 12 -6.39 13.01 10.79
C THR B 12 -5.97 11.55 10.93
N ARG B 13 -5.40 10.99 9.87
CA ARG B 13 -4.98 9.59 9.86
C ARG B 13 -3.57 9.46 9.26
N SER B 14 -2.67 8.78 9.98
CA SER B 14 -1.31 8.56 9.49
C SER B 14 -0.65 7.42 10.29
N ASP B 15 0.51 6.98 9.84
CA ASP B 15 1.33 5.94 10.55
C ASP B 15 0.58 4.61 10.69
N MET B 16 -0.14 4.24 9.63
CA MET B 16 -0.82 2.95 9.58
C MET B 16 -0.28 2.11 8.43
N ILE B 17 -0.24 0.79 8.64
CA ILE B 17 0.01 -0.15 7.57
C ILE B 17 -1.05 -1.25 7.64
N CYS B 18 -1.64 -1.56 6.49
CA CYS B 18 -2.73 -2.53 6.38
CA CYS B 18 -2.71 -2.56 6.42
C CYS B 18 -2.37 -3.63 5.39
N GLY B 19 -2.26 -4.86 5.86
CA GLY B 19 -2.01 -6.00 4.98
C GLY B 19 -3.35 -6.66 4.68
N TYR B 20 -3.62 -6.88 3.40
CA TYR B 20 -4.82 -7.54 2.96
C TYR B 20 -4.47 -8.88 2.32
N ALA B 21 -5.25 -9.91 2.66
CA ALA B 21 -5.08 -11.26 2.13
C ALA B 21 -5.31 -11.35 0.61
N CYS B 22 -6.16 -10.48 0.07
CA CYS B 22 -6.49 -10.54 -1.35
C CYS B 22 -6.70 -9.14 -1.91
N LEU B 23 -6.88 -9.06 -3.22
CA LEU B 23 -7.13 -7.79 -3.90
C LEU B 23 -8.61 -7.47 -4.00
N LYS B 24 -8.89 -6.17 -4.11
CA LYS B 24 -10.24 -5.64 -4.32
C LYS B 24 -10.98 -6.43 -5.40
N GLY B 25 -12.19 -6.87 -5.05
CA GLY B 25 -13.02 -7.67 -5.95
C GLY B 25 -12.82 -9.18 -5.89
N THR B 26 -11.82 -9.64 -5.13
CA THR B 26 -11.46 -11.05 -5.25
C THR B 26 -11.58 -11.80 -3.93
N ALA B 27 -11.42 -13.11 -4.01
CA ALA B 27 -11.52 -13.99 -2.85
C ALA B 27 -10.14 -14.32 -2.31
N ALA B 28 -10.04 -14.44 -0.98
CA ALA B 28 -8.84 -14.96 -0.34
C ALA B 28 -9.02 -16.45 -0.07
N MET B 29 -7.94 -17.23 -0.11
CA MET B 29 -8.05 -18.68 -0.02
C MET B 29 -7.65 -19.24 1.36
N ARG B 30 -8.27 -20.36 1.71
CA ARG B 30 -8.08 -20.97 3.00
C ARG B 30 -8.17 -22.48 2.84
N ASN B 31 -7.28 -23.15 3.55
CA ASN B 31 -7.22 -24.58 3.62
C ASN B 31 -7.77 -25.07 4.97
N ALA B 32 -8.60 -26.10 4.91
CA ALA B 32 -9.11 -26.80 6.10
C ALA B 32 -8.05 -27.09 7.17
N LYS B 33 -6.91 -27.66 6.76
CA LYS B 33 -5.88 -28.08 7.71
C LYS B 33 -4.77 -27.07 8.01
N ARG B 34 -4.34 -26.31 7.00
CA ARG B 34 -3.23 -25.37 7.17
C ARG B 34 -3.67 -23.93 7.46
N GLY B 35 -4.97 -23.67 7.34
CA GLY B 35 -5.51 -22.30 7.51
C GLY B 35 -5.39 -21.45 6.24
N SER B 36 -5.47 -20.13 6.40
CA SER B 36 -5.49 -19.24 5.25
C SER B 36 -4.09 -19.14 4.69
N TRP B 37 -3.98 -19.05 3.37
CA TRP B 37 -2.66 -18.90 2.72
C TRP B 37 -1.93 -17.68 3.30
N TYR B 38 -2.65 -16.58 3.44
CA TYR B 38 -2.01 -15.30 3.80
C TYR B 38 -1.46 -15.35 5.24
N ILE B 39 -2.26 -15.84 6.19
CA ILE B 39 -1.77 -15.94 7.59
C ILE B 39 -0.62 -16.93 7.70
N GLU B 40 -0.73 -18.06 7.01
CA GLU B 40 0.37 -19.01 7.00
C GLU B 40 1.69 -18.35 6.54
N ALA B 41 1.61 -17.61 5.44
CA ALA B 41 2.81 -16.93 4.90
C ALA B 41 3.33 -15.85 5.85
N LEU B 42 2.40 -15.05 6.37
CA LEU B 42 2.70 -13.95 7.27
C LEU B 42 3.46 -14.45 8.50
N ALA B 43 2.98 -15.52 9.10
CA ALA B 43 3.66 -16.04 10.27
C ALA B 43 5.04 -16.63 9.97
N GLN B 44 5.19 -17.26 8.81
CA GLN B 44 6.49 -17.83 8.41
C GLN B 44 7.49 -16.71 8.21
N VAL B 45 7.11 -15.67 7.46
CA VAL B 45 8.06 -14.58 7.18
C VAL B 45 8.40 -13.77 8.44
N PHE B 46 7.38 -13.37 9.20
CA PHE B 46 7.62 -12.54 10.38
C PHE B 46 8.47 -13.31 11.39
N SER B 47 8.22 -14.60 11.56
CA SER B 47 9.03 -15.33 12.55
C SER B 47 10.49 -15.44 12.11
N GLU B 48 10.72 -15.62 10.80
CA GLU B 48 12.09 -15.74 10.27
C GLU B 48 12.82 -14.42 10.13
N ARG B 49 12.10 -13.36 9.77
CA ARG B 49 12.77 -12.15 9.32
C ARG B 49 12.54 -10.90 10.18
N ALA B 50 11.69 -10.97 11.19
CA ALA B 50 11.49 -9.77 12.04
C ALA B 50 12.79 -9.24 12.63
N CYS B 51 13.77 -10.13 12.83
CA CYS B 51 15.07 -9.76 13.38
C CYS B 51 15.84 -8.76 12.53
N ASP B 52 15.65 -8.78 11.20
CA ASP B 52 16.47 -7.91 10.33
C ASP B 52 15.75 -7.26 9.15
N MET B 53 14.43 -7.32 9.13
CA MET B 53 13.67 -6.76 8.01
CA MET B 53 13.65 -6.77 8.02
C MET B 53 12.53 -5.91 8.55
N HIS B 54 12.29 -4.77 7.92
CA HIS B 54 11.14 -3.96 8.38
C HIS B 54 9.81 -4.52 7.88
N VAL B 55 8.72 -4.11 8.52
CA VAL B 55 7.41 -4.73 8.31
C VAL B 55 6.95 -4.61 6.84
N ALA B 56 7.04 -3.42 6.25
CA ALA B 56 6.65 -3.28 4.84
C ALA B 56 7.45 -4.24 3.94
N ASP B 57 8.73 -4.43 4.24
CA ASP B 57 9.58 -5.33 3.44
C ASP B 57 9.20 -6.80 3.69
N MET B 58 8.80 -7.15 4.92
CA MET B 58 8.29 -8.48 5.17
C MET B 58 6.99 -8.74 4.42
N LEU B 59 6.12 -7.73 4.38
CA LEU B 59 4.87 -7.90 3.62
C LEU B 59 5.14 -8.12 2.12
N VAL B 60 6.23 -7.56 1.61
CA VAL B 60 6.66 -7.83 0.21
C VAL B 60 7.05 -9.34 0.04
N LYS B 61 7.76 -9.88 1.04
CA LYS B 61 8.08 -11.32 1.01
C LYS B 61 6.84 -12.19 1.08
N VAL B 62 5.87 -11.78 1.89
CA VAL B 62 4.55 -12.44 1.89
C VAL B 62 3.89 -12.40 0.50
N ASN B 63 3.87 -11.21 -0.14
CA ASN B 63 3.34 -11.11 -1.50
C ASN B 63 4.00 -12.14 -2.43
N ALA B 64 5.33 -12.27 -2.34
CA ALA B 64 6.04 -13.26 -3.18
C ALA B 64 5.50 -14.71 -2.96
N LEU B 65 5.31 -15.07 -1.71
CA LEU B 65 4.81 -16.42 -1.37
C LEU B 65 3.42 -16.65 -1.92
N ILE B 66 2.54 -15.68 -1.73
CA ILE B 66 1.16 -15.82 -2.19
C ILE B 66 1.07 -15.89 -3.73
N LYS B 67 1.83 -15.03 -4.43
CA LYS B 67 1.86 -15.05 -5.90
C LYS B 67 2.17 -16.47 -6.44
N ASP B 68 3.04 -17.18 -5.74
CA ASP B 68 3.53 -18.49 -6.17
C ASP B 68 2.55 -19.62 -5.85
N ARG B 69 1.67 -19.45 -4.87
CA ARG B 69 0.79 -20.57 -4.50
C ARG B 69 -0.40 -20.79 -5.43
N GLU B 70 -0.90 -22.02 -5.48
CA GLU B 70 -2.14 -22.28 -6.22
C GLU B 70 -3.08 -23.25 -5.51
N GLY B 71 -4.36 -23.10 -5.83
CA GLY B 71 -5.43 -23.90 -5.24
C GLY B 71 -5.31 -25.38 -5.57
N TYR B 72 -5.65 -26.19 -4.59
CA TYR B 72 -5.77 -27.62 -4.76
C TYR B 72 -7.18 -27.95 -4.33
N ALA B 73 -8.05 -28.21 -5.32
CA ALA B 73 -9.44 -28.53 -5.06
C ALA B 73 -10.06 -29.22 -6.30
N PRO B 74 -9.56 -30.43 -6.64
CA PRO B 74 -9.99 -31.11 -7.90
C PRO B 74 -11.50 -31.20 -8.00
N GLY B 75 -12.04 -30.93 -9.18
CA GLY B 75 -13.49 -31.01 -9.41
C GLY B 75 -14.32 -29.81 -8.97
N THR B 76 -13.66 -28.70 -8.66
CA THR B 76 -14.38 -27.44 -8.37
C THR B 76 -13.66 -26.21 -8.95
N GLU B 77 -14.37 -25.08 -9.01
CA GLU B 77 -13.86 -23.82 -9.57
C GLU B 77 -12.56 -23.31 -8.91
N PHE B 78 -12.17 -23.92 -7.80
CA PHE B 78 -10.99 -23.47 -7.07
C PHE B 78 -9.71 -24.23 -7.45
N HIS B 79 -9.83 -25.29 -8.24
CA HIS B 79 -8.63 -26.06 -8.59
C HIS B 79 -7.66 -25.24 -9.43
N ARG B 80 -6.39 -25.22 -9.00
CA ARG B 80 -5.34 -24.32 -9.52
C ARG B 80 -5.64 -22.79 -9.45
N CYS B 81 -6.62 -22.36 -8.64
CA CYS B 81 -6.94 -20.93 -8.57
C CYS B 81 -5.78 -20.13 -7.93
N LYS B 82 -5.85 -18.81 -8.06
CA LYS B 82 -4.74 -17.94 -7.60
C LYS B 82 -5.29 -16.89 -6.64
N GLU B 83 -4.37 -16.22 -5.94
CA GLU B 83 -4.69 -15.16 -5.00
C GLU B 83 -3.53 -14.18 -5.07
N MET B 84 -3.79 -12.91 -4.80
CA MET B 84 -2.64 -12.00 -4.66
C MET B 84 -2.94 -11.12 -3.44
N SER B 85 -1.97 -11.05 -2.52
CA SER B 85 -2.08 -10.18 -1.35
C SER B 85 -1.55 -8.81 -1.70
N GLU B 86 -1.84 -7.83 -0.82
CA GLU B 86 -1.29 -6.48 -1.01
C GLU B 86 -1.19 -5.81 0.34
N TYR B 87 -0.49 -4.69 0.41
CA TYR B 87 -0.53 -3.89 1.61
C TYR B 87 -0.63 -2.43 1.22
N CYS B 88 -1.24 -1.61 2.09
CA CYS B 88 -1.28 -0.18 1.86
C CYS B 88 -0.61 0.49 3.05
N SER B 89 0.15 1.56 2.81
CA SER B 89 0.92 2.17 3.89
C SER B 89 0.84 3.69 3.92
N THR B 90 0.53 4.24 5.10
CA THR B 90 0.80 5.64 5.41
C THR B 90 1.93 5.70 6.44
N LEU B 91 2.81 4.70 6.45
CA LEU B 91 3.97 4.79 7.35
C LEU B 91 4.93 5.91 6.92
N CYS B 92 5.56 6.56 7.90
CA CYS B 92 6.51 7.65 7.62
C CYS B 92 7.97 7.35 7.99
N ARG B 93 8.19 6.11 8.44
CA ARG B 93 9.51 5.63 8.80
C ARG B 93 9.54 4.13 8.60
N HIS B 94 10.75 3.57 8.60
CA HIS B 94 10.93 2.12 8.73
C HIS B 94 10.27 1.60 10.01
N LEU B 95 9.57 0.48 9.90
CA LEU B 95 8.99 -0.19 11.03
C LEU B 95 9.75 -1.49 11.35
N TYR B 96 10.75 -1.40 12.22
CA TYR B 96 11.42 -2.61 12.74
C TYR B 96 10.85 -3.02 14.07
N LEU B 97 10.64 -4.33 14.24
CA LEU B 97 10.03 -4.83 15.48
C LEU B 97 11.06 -5.07 16.58
N PHE B 98 12.33 -5.11 16.18
CA PHE B 98 13.47 -5.34 17.09
C PHE B 98 13.21 -6.49 18.10
N PRO B 99 12.84 -7.70 17.60
CA PRO B 99 12.41 -8.74 18.53
C PRO B 99 13.55 -9.15 19.49
N GLY B 100 13.19 -9.30 20.75
CA GLY B 100 14.13 -9.78 21.78
C GLY B 100 15.31 -8.88 22.07
N HIS B 101 15.16 -7.57 21.82
CA HIS B 101 16.17 -6.58 22.19
C HIS B 101 15.60 -5.57 23.19
N PRO B 102 16.30 -5.34 24.33
CA PRO B 102 17.60 -5.97 24.73
C PRO B 102 17.41 -7.41 25.18
N PRO B 103 18.50 -8.23 25.16
CA PRO B 103 18.37 -9.65 25.51
C PRO B 103 18.09 -9.93 26.99
N MET C 1 17.33 19.97 -12.25
CA MET C 1 17.13 18.72 -11.45
C MET C 1 18.31 17.80 -11.65
N GLN C 2 18.70 17.14 -10.57
CA GLN C 2 19.84 16.25 -10.60
C GLN C 2 19.43 14.92 -9.97
N VAL C 3 19.50 13.85 -10.75
CA VAL C 3 19.28 12.51 -10.20
C VAL C 3 20.65 11.91 -9.86
N LYS C 4 20.89 11.68 -8.58
CA LYS C 4 22.20 11.18 -8.18
C LYS C 4 22.38 9.74 -8.67
N PRO C 5 23.58 9.40 -9.16
CA PRO C 5 23.77 8.04 -9.69
C PRO C 5 23.98 6.99 -8.61
N CYS C 6 23.55 5.77 -8.88
CA CYS C 6 23.85 4.59 -8.08
CA CYS C 6 23.90 4.69 -7.98
C CYS C 6 25.32 4.23 -8.28
N THR C 7 26.04 3.82 -7.23
CA THR C 7 27.43 3.32 -7.41
C THR C 7 27.51 1.89 -7.97
N PRO C 8 28.62 1.52 -8.64
CA PRO C 8 28.73 0.11 -8.99
C PRO C 8 28.67 -0.82 -7.79
N GLU C 9 29.23 -0.40 -6.64
CA GLU C 9 29.21 -1.27 -5.45
C GLU C 9 27.78 -1.49 -4.95
N PHE C 10 26.97 -0.44 -4.99
CA PHE C 10 25.58 -0.54 -4.60
C PHE C 10 24.83 -1.51 -5.52
N TYR C 11 25.03 -1.38 -6.83
CA TYR C 11 24.41 -2.32 -7.77
C TYR C 11 24.83 -3.76 -7.43
N GLN C 12 26.14 -3.95 -7.27
CA GLN C 12 26.66 -5.29 -6.99
C GLN C 12 26.09 -5.93 -5.75
N THR C 13 25.79 -5.15 -4.71
CA THR C 13 25.27 -5.75 -3.49
C THR C 13 23.74 -5.81 -3.42
N HIS C 14 23.05 -5.22 -4.41
CA HIS C 14 21.57 -5.19 -4.37
C HIS C 14 20.87 -5.83 -5.56
N PHE C 15 21.56 -6.06 -6.67
CA PHE C 15 20.89 -6.59 -7.85
C PHE C 15 20.26 -7.98 -7.65
N GLN C 16 20.85 -8.81 -6.78
CA GLN C 16 20.35 -10.18 -6.64
C GLN C 16 18.99 -10.28 -5.94
N LEU C 17 18.63 -9.29 -5.13
CA LEU C 17 17.30 -9.31 -4.46
C LEU C 17 16.29 -8.32 -5.03
N ALA C 18 16.56 -7.76 -6.20
CA ALA C 18 15.66 -6.74 -6.69
C ALA C 18 15.09 -7.23 -7.98
N TYR C 19 14.04 -6.56 -8.47
CA TYR C 19 13.58 -6.77 -9.84
C TYR C 19 14.73 -6.47 -10.79
N ARG C 20 14.82 -7.22 -11.88
CA ARG C 20 15.76 -6.90 -12.97
C ARG C 20 15.39 -5.53 -13.49
N LEU C 21 16.35 -4.63 -13.50
CA LEU C 21 16.05 -3.27 -13.93
C LEU C 21 17.31 -2.65 -14.51
N GLN C 22 17.64 -3.07 -15.72
CA GLN C 22 18.86 -2.63 -16.37
C GLN C 22 18.70 -2.30 -17.83
N SER C 23 17.50 -2.47 -18.37
CA SER C 23 17.30 -2.19 -19.81
C SER C 23 17.51 -0.71 -20.17
N ARG C 24 17.82 -0.46 -21.45
CA ARG C 24 17.90 0.91 -21.99
C ARG C 24 16.91 0.98 -23.14
N PRO C 25 15.82 1.77 -22.99
CA PRO C 25 15.42 2.52 -21.80
C PRO C 25 14.96 1.59 -20.67
N ARG C 26 14.90 2.12 -19.44
CA ARG C 26 14.46 1.34 -18.27
C ARG C 26 13.04 0.86 -18.43
N GLY C 27 12.29 1.63 -19.21
CA GLY C 27 10.92 1.35 -19.48
C GLY C 27 10.33 2.51 -20.24
N LEU C 28 9.11 2.35 -20.67
CA LEU C 28 8.32 3.48 -21.12
C LEU C 28 7.61 4.08 -19.92
N ALA C 29 7.44 5.40 -19.94
CA ALA C 29 6.66 6.10 -18.92
C ALA C 29 5.61 6.91 -19.63
N LEU C 30 4.41 6.95 -19.08
CA LEU C 30 3.38 7.83 -19.61
C LEU C 30 3.01 8.88 -18.55
N VAL C 31 3.07 10.16 -18.94
CA VAL C 31 2.55 11.23 -18.07
C VAL C 31 1.30 11.84 -18.74
N LEU C 32 0.17 11.72 -18.06
CA LEU C 32 -1.12 12.20 -18.56
C LEU C 32 -1.65 13.25 -17.59
N SER C 33 -1.68 14.50 -18.06
CA SER C 33 -2.16 15.61 -17.24
C SER C 33 -3.38 16.26 -17.85
N ASN C 34 -4.45 16.33 -17.06
CA ASN C 34 -5.61 17.18 -17.35
C ASN C 34 -5.60 18.43 -16.46
N VAL C 35 -5.66 19.60 -17.08
CA VAL C 35 -5.67 20.88 -16.34
C VAL C 35 -6.86 21.77 -16.69
N HIS C 36 -7.41 21.64 -17.89
CA HIS C 36 -8.54 22.51 -18.32
C HIS C 36 -9.76 21.65 -18.63
N PHE C 37 -10.83 21.89 -17.86
CA PHE C 37 -12.04 21.06 -17.86
C PHE C 37 -13.22 21.83 -18.43
N THR C 38 -14.04 21.16 -19.23
CA THR C 38 -15.10 21.86 -19.97
C THR C 38 -16.44 21.12 -20.00
N GLY C 39 -16.69 20.22 -19.07
CA GLY C 39 -18.00 19.53 -19.06
C GLY C 39 -19.14 20.34 -18.43
N GLU C 40 -20.30 19.69 -18.30
CA GLU C 40 -21.44 20.25 -17.57
C GLU C 40 -21.08 20.44 -16.11
N LYS C 41 -20.27 19.51 -15.58
CA LYS C 41 -19.80 19.54 -14.21
C LYS C 41 -18.59 20.47 -14.17
N GLU C 42 -18.72 21.59 -13.47
CA GLU C 42 -17.66 22.58 -13.40
C GLU C 42 -16.47 22.06 -12.59
N LEU C 43 -15.30 22.00 -13.23
CA LEU C 43 -14.10 21.62 -12.50
C LEU C 43 -13.05 22.68 -12.71
N GLU C 44 -12.43 23.12 -11.61
CA GLU C 44 -11.57 24.29 -11.62
C GLU C 44 -10.28 24.02 -12.38
N PHE C 45 -9.90 24.95 -13.26
CA PHE C 45 -8.59 24.94 -13.89
C PHE C 45 -7.52 24.58 -12.84
N ARG C 46 -6.67 23.62 -13.17
CA ARG C 46 -5.65 23.16 -12.22
C ARG C 46 -4.36 23.95 -12.35
N SER C 47 -4.29 25.14 -11.71
CA SER C 47 -3.07 25.94 -11.74
C SER C 47 -1.93 25.19 -11.07
N GLY C 48 -0.73 25.23 -11.65
CA GLY C 48 0.38 24.45 -11.08
C GLY C 48 0.49 23.06 -11.68
N GLY C 49 -0.55 22.61 -12.40
CA GLY C 49 -0.51 21.33 -13.15
C GLY C 49 0.61 21.32 -14.18
N ASP C 50 0.90 22.49 -14.76
CA ASP C 50 2.02 22.67 -15.66
C ASP C 50 3.38 22.38 -14.98
N VAL C 51 3.54 22.87 -13.75
CA VAL C 51 4.75 22.60 -12.96
C VAL C 51 4.89 21.10 -12.72
N ASP C 52 3.81 20.46 -12.29
CA ASP C 52 3.83 19.02 -12.01
C ASP C 52 4.21 18.22 -13.24
N HIS C 53 3.56 18.54 -14.35
CA HIS C 53 3.82 17.85 -15.61
C HIS C 53 5.30 17.94 -16.04
N SER C 54 5.84 19.14 -16.11
CA SER C 54 7.24 19.31 -16.46
C SER C 54 8.19 18.64 -15.46
N THR C 55 7.88 18.74 -14.17
CA THR C 55 8.68 18.03 -13.13
C THR C 55 8.76 16.51 -13.38
N LEU C 56 7.61 15.87 -13.59
CA LEU C 56 7.60 14.41 -13.88
C LEU C 56 8.24 14.02 -15.20
N VAL C 57 7.96 14.75 -16.26
CA VAL C 57 8.63 14.49 -17.55
C VAL C 57 10.15 14.50 -17.34
N THR C 58 10.67 15.56 -16.72
CA THR C 58 12.11 15.63 -16.44
C THR C 58 12.62 14.48 -15.57
N LEU C 59 11.94 14.26 -14.45
CA LEU C 59 12.32 13.20 -13.51
C LEU C 59 12.39 11.87 -14.22
N PHE C 60 11.32 11.50 -14.94
CA PHE C 60 11.29 10.16 -15.58
C PHE C 60 12.35 10.00 -16.68
N LYS C 61 12.59 11.07 -17.44
CA LYS C 61 13.68 11.09 -18.39
C LYS C 61 15.02 10.85 -17.70
N LEU C 62 15.24 11.57 -16.61
CA LEU C 62 16.50 11.48 -15.90
C LEU C 62 16.69 10.13 -15.21
N LEU C 63 15.59 9.44 -14.89
CA LEU C 63 15.64 8.03 -14.41
C LEU C 63 15.79 6.95 -15.51
N GLY C 64 15.86 7.39 -16.77
CA GLY C 64 16.19 6.51 -17.90
C GLY C 64 14.97 5.94 -18.63
N TYR C 65 13.81 6.59 -18.46
CA TYR C 65 12.56 6.20 -19.11
C TYR C 65 12.37 6.93 -20.44
N ASP C 66 11.69 6.26 -21.36
CA ASP C 66 11.25 6.83 -22.62
C ASP C 66 9.87 7.41 -22.34
N VAL C 67 9.77 8.73 -22.25
CA VAL C 67 8.56 9.36 -21.72
C VAL C 67 7.59 9.76 -22.82
N HIS C 68 6.37 9.24 -22.70
CA HIS C 68 5.25 9.59 -23.56
C HIS C 68 4.36 10.56 -22.78
N VAL C 69 3.76 11.53 -23.47
CA VAL C 69 2.97 12.54 -22.79
C VAL C 69 1.58 12.65 -23.39
N LEU C 70 0.60 12.92 -22.54
CA LEU C 70 -0.74 13.20 -23.01
C LEU C 70 -1.27 14.34 -22.17
N CYS C 71 -2.00 15.25 -22.80
CA CYS C 71 -2.57 16.39 -22.09
C CYS C 71 -4.05 16.60 -22.43
N ASP C 72 -4.85 16.93 -21.41
CA ASP C 72 -6.25 17.38 -21.59
C ASP C 72 -7.12 16.42 -22.43
N GLN C 73 -7.33 15.23 -21.88
CA GLN C 73 -8.02 14.13 -22.55
C GLN C 73 -9.36 13.84 -21.92
N THR C 74 -10.36 13.48 -22.74
CA THR C 74 -11.65 13.04 -22.20
C THR C 74 -11.53 11.67 -21.55
N ALA C 75 -12.57 11.25 -20.83
CA ALA C 75 -12.51 9.94 -20.16
C ALA C 75 -12.31 8.83 -21.22
N GLN C 76 -13.06 8.93 -22.32
CA GLN C 76 -12.97 7.91 -23.37
C GLN C 76 -11.58 7.89 -24.03
N GLU C 77 -11.04 9.08 -24.32
CA GLU C 77 -9.69 9.21 -24.89
C GLU C 77 -8.64 8.63 -23.91
N MET C 78 -8.80 8.86 -22.61
CA MET C 78 -7.85 8.32 -21.62
C MET C 78 -7.85 6.80 -21.65
N GLN C 79 -9.03 6.18 -21.58
CA GLN C 79 -9.11 4.73 -21.64
C GLN C 79 -8.49 4.19 -22.95
N GLU C 80 -8.83 4.77 -24.10
CA GLU C 80 -8.30 4.29 -25.38
C GLU C 80 -6.81 4.44 -25.48
N LYS C 81 -6.30 5.60 -25.06
CA LYS C 81 -4.90 5.86 -25.23
C LYS C 81 -4.03 5.17 -24.18
N LEU C 82 -4.58 4.95 -22.99
CA LEU C 82 -3.87 4.13 -22.00
C LEU C 82 -3.82 2.68 -22.48
N GLN C 83 -4.91 2.21 -23.09
CA GLN C 83 -4.92 0.83 -23.59
C GLN C 83 -3.89 0.71 -24.71
N ASN C 84 -3.86 1.69 -25.59
CA ASN C 84 -2.86 1.72 -26.66
C ASN C 84 -1.43 1.67 -26.12
N PHE C 85 -1.19 2.44 -25.06
CA PHE C 85 0.12 2.55 -24.45
C PHE C 85 0.50 1.19 -23.84
N ALA C 86 -0.43 0.57 -23.11
CA ALA C 86 -0.22 -0.73 -22.48
C ALA C 86 0.11 -1.79 -23.53
N GLN C 87 -0.48 -1.63 -24.71
CA GLN C 87 -0.38 -2.62 -25.78
C GLN C 87 0.86 -2.46 -26.64
N LEU C 88 1.67 -1.44 -26.40
CA LEU C 88 2.83 -1.17 -27.28
C LEU C 88 3.86 -2.30 -27.22
N PRO C 89 4.36 -2.73 -28.39
CA PRO C 89 5.37 -3.80 -28.49
C PRO C 89 6.67 -3.45 -27.78
N ALA C 90 6.98 -2.16 -27.64
CA ALA C 90 8.22 -1.77 -26.98
C ALA C 90 8.33 -2.27 -25.52
N HIS C 91 7.19 -2.53 -24.85
CA HIS C 91 7.24 -3.07 -23.48
C HIS C 91 7.93 -4.43 -23.40
N ARG C 92 7.94 -5.15 -24.53
CA ARG C 92 8.52 -6.49 -24.54
C ARG C 92 10.04 -6.47 -24.26
N VAL C 93 10.73 -5.39 -24.62
CA VAL C 93 12.18 -5.34 -24.40
C VAL C 93 12.63 -4.41 -23.28
N THR C 94 11.72 -3.88 -22.48
CA THR C 94 12.12 -3.04 -21.34
C THR C 94 11.85 -3.79 -20.06
N ASP C 95 12.35 -3.28 -18.94
CA ASP C 95 12.28 -4.01 -17.67
C ASP C 95 11.17 -3.53 -16.72
N SER C 96 10.52 -2.41 -17.02
CA SER C 96 9.56 -1.81 -16.07
C SER C 96 8.66 -0.82 -16.81
N CYS C 97 7.68 -0.26 -16.09
CA CYS C 97 6.72 0.70 -16.70
C CYS C 97 6.32 1.73 -15.64
N ILE C 98 6.14 2.99 -16.05
CA ILE C 98 5.61 4.02 -15.17
C ILE C 98 4.42 4.71 -15.82
N VAL C 99 3.35 4.88 -15.06
CA VAL C 99 2.19 5.69 -15.48
C VAL C 99 1.81 6.70 -14.38
N ALA C 100 1.74 7.99 -14.76
CA ALA C 100 1.38 9.02 -13.82
C ALA C 100 0.17 9.72 -14.41
N LEU C 101 -0.86 9.83 -13.58
CA LEU C 101 -2.14 10.43 -13.96
C LEU C 101 -2.40 11.62 -13.05
N LEU C 102 -2.64 12.79 -13.65
CA LEU C 102 -2.77 14.02 -12.86
C LEU C 102 -4.05 14.71 -13.32
N SER C 103 -5.01 14.86 -12.42
CA SER C 103 -6.34 15.36 -12.79
C SER C 103 -7.17 15.63 -11.56
N HIS C 104 -8.39 16.14 -11.77
CA HIS C 104 -9.42 16.03 -10.73
C HIS C 104 -9.87 14.59 -10.59
N GLY C 105 -10.41 14.23 -9.42
CA GLY C 105 -10.91 12.88 -9.28
C GLY C 105 -11.85 12.75 -8.11
N VAL C 106 -12.31 11.52 -7.89
CA VAL C 106 -13.12 11.11 -6.74
C VAL C 106 -12.59 9.77 -6.26
N GLU C 107 -13.09 9.23 -5.15
CA GLU C 107 -12.57 7.93 -4.69
C GLU C 107 -12.65 6.91 -5.85
N GLY C 108 -11.50 6.32 -6.19
CA GLY C 108 -11.45 5.22 -7.16
C GLY C 108 -11.56 5.61 -8.64
N ALA C 109 -11.59 6.90 -8.96
CA ALA C 109 -11.73 7.32 -10.35
C ALA C 109 -11.19 8.74 -10.65
N ILE C 110 -10.79 9.00 -11.88
CA ILE C 110 -10.25 10.32 -12.25
C ILE C 110 -11.09 10.93 -13.37
N TYR C 111 -11.17 12.26 -13.38
CA TYR C 111 -11.92 12.95 -14.41
C TYR C 111 -11.15 13.15 -15.69
N GLY C 112 -11.83 12.93 -16.80
CA GLY C 112 -11.40 13.46 -18.09
C GLY C 112 -11.83 14.93 -18.21
N VAL C 113 -11.31 15.63 -19.21
CA VAL C 113 -11.63 17.06 -19.39
C VAL C 113 -13.11 17.31 -19.73
N ASP C 114 -13.81 16.24 -20.07
CA ASP C 114 -15.25 16.34 -20.31
C ASP C 114 -16.08 16.16 -19.04
N GLY C 115 -15.41 16.01 -17.90
CA GLY C 115 -16.14 15.81 -16.63
C GLY C 115 -16.76 14.43 -16.46
N LYS C 116 -16.29 13.48 -17.26
CA LYS C 116 -16.73 12.09 -17.08
C LYS C 116 -15.58 11.32 -16.42
N LEU C 117 -15.93 10.27 -15.69
CA LEU C 117 -15.01 9.51 -14.81
C LEU C 117 -14.47 8.27 -15.49
N LEU C 118 -13.17 8.02 -15.32
CA LEU C 118 -12.55 6.75 -15.70
C LEU C 118 -12.15 6.02 -14.42
N GLN C 119 -12.68 4.83 -14.20
CA GLN C 119 -12.41 4.08 -12.95
C GLN C 119 -10.96 3.61 -12.92
N LEU C 120 -10.29 3.84 -11.80
CA LEU C 120 -8.89 3.41 -11.68
C LEU C 120 -8.71 1.90 -11.76
N GLN C 121 -9.67 1.12 -11.26
CA GLN C 121 -9.60 -0.34 -11.42
C GLN C 121 -9.41 -0.77 -12.87
N GLU C 122 -10.13 -0.12 -13.78
CA GLU C 122 -9.95 -0.36 -15.22
C GLU C 122 -8.58 0.02 -15.75
N VAL C 123 -8.02 1.11 -15.23
CA VAL C 123 -6.68 1.54 -15.65
C VAL C 123 -5.64 0.48 -15.26
N PHE C 124 -5.65 0.06 -13.98
CA PHE C 124 -4.66 -0.94 -13.53
C PHE C 124 -4.82 -2.24 -14.33
N GLN C 125 -6.06 -2.59 -14.61
CA GLN C 125 -6.35 -3.80 -15.36
C GLN C 125 -5.67 -3.84 -16.75
N LEU C 126 -5.56 -2.68 -17.39
CA LEU C 126 -4.89 -2.60 -18.70
C LEU C 126 -3.46 -3.12 -18.66
N PHE C 127 -2.85 -3.04 -17.47
CA PHE C 127 -1.44 -3.37 -17.31
C PHE C 127 -1.22 -4.70 -16.59
N ASP C 128 -2.28 -5.45 -16.33
CA ASP C 128 -2.17 -6.63 -15.49
C ASP C 128 -1.64 -7.86 -16.25
N ASN C 129 -1.47 -8.96 -15.56
CA ASN C 129 -0.85 -10.13 -16.15
C ASN C 129 -1.71 -10.75 -17.26
N ALA C 130 -3.01 -10.56 -17.18
CA ALA C 130 -3.93 -11.11 -18.20
C ALA C 130 -3.89 -10.28 -19.47
N ASN C 131 -4.01 -8.97 -19.33
CA ASN C 131 -4.17 -8.07 -20.49
C ASN C 131 -2.90 -7.53 -21.07
N CYS C 132 -1.83 -7.51 -20.27
CA CYS C 132 -0.53 -6.97 -20.69
C CYS C 132 0.57 -8.02 -20.50
N PRO C 133 0.59 -9.05 -21.35
CA PRO C 133 1.58 -10.12 -21.13
C PRO C 133 3.02 -9.66 -21.25
N SER C 134 3.27 -8.61 -22.04
CA SER C 134 4.64 -8.06 -22.18
C SER C 134 5.21 -7.50 -20.88
N LEU C 135 4.35 -7.19 -19.93
CA LEU C 135 4.85 -6.67 -18.65
C LEU C 135 4.75 -7.67 -17.51
N GLN C 136 4.37 -8.92 -17.81
CA GLN C 136 4.26 -9.94 -16.77
C GLN C 136 5.57 -10.05 -15.99
N ASN C 137 5.45 -10.05 -14.65
CA ASN C 137 6.58 -10.17 -13.72
C ASN C 137 7.53 -8.99 -13.65
N LYS C 138 7.27 -7.95 -14.45
CA LYS C 138 8.03 -6.69 -14.41
C LYS C 138 7.32 -5.66 -13.52
N PRO C 139 8.09 -4.85 -12.80
CA PRO C 139 7.50 -3.87 -11.88
C PRO C 139 6.78 -2.75 -12.63
N LYS C 140 5.56 -2.47 -12.22
CA LYS C 140 4.74 -1.43 -12.83
C LYS C 140 4.38 -0.40 -11.75
N MET C 141 4.78 0.85 -11.96
CA MET C 141 4.57 1.92 -10.98
C MET C 141 3.46 2.83 -11.51
N PHE C 142 2.56 3.24 -10.61
CA PHE C 142 1.50 4.21 -10.95
C PHE C 142 1.56 5.32 -9.91
N PHE C 143 1.39 6.55 -10.36
CA PHE C 143 1.36 7.69 -9.45
C PHE C 143 0.09 8.47 -9.78
N ILE C 144 -0.77 8.68 -8.79
CA ILE C 144 -2.10 9.25 -9.03
C ILE C 144 -2.29 10.54 -8.24
N GLN C 145 -2.21 11.66 -8.96
CA GLN C 145 -2.37 12.99 -8.39
C GLN C 145 -3.79 13.42 -8.71
N ALA C 146 -4.69 13.15 -7.78
CA ALA C 146 -6.12 13.49 -7.91
C ALA C 146 -6.74 13.39 -6.51
N CYS C 147 -7.78 14.17 -6.25
CA CYS C 147 -8.54 14.06 -5.01
C CYS C 147 -9.31 12.76 -4.98
N ARG C 148 -9.58 12.29 -3.77
CA ARG C 148 -10.37 11.09 -3.55
C ARG C 148 -11.59 11.43 -2.72
N GLY C 149 -12.04 12.67 -2.87
CA GLY C 149 -13.17 13.19 -2.12
C GLY C 149 -12.99 14.69 -1.93
N ASP C 150 -13.93 15.32 -1.24
CA ASP C 150 -13.85 16.75 -1.03
C ASP C 150 -13.86 17.15 0.45
N GLU C 151 -13.77 16.16 1.34
CA GLU C 151 -13.66 16.45 2.78
C GLU C 151 -12.23 16.93 3.08
N THR C 152 -12.07 18.24 3.30
CA THR C 152 -10.79 18.81 3.72
C THR C 152 -10.39 18.37 5.14
N ASP C 153 -9.10 18.12 5.32
CA ASP C 153 -8.61 17.62 6.61
C ASP C 153 -8.10 18.82 7.41
N ARG C 154 -8.85 19.20 8.45
CA ARG C 154 -8.44 20.33 9.28
C ARG C 154 -7.23 20.00 10.17
N GLY C 155 -6.93 18.71 10.29
CA GLY C 155 -5.79 18.23 11.07
C GLY C 155 -6.11 18.09 12.55
N VAL C 156 -5.17 17.57 13.32
CA VAL C 156 -5.38 17.46 14.77
C VAL C 156 -4.13 17.97 15.49
N ASP C 157 -4.32 18.61 16.65
CA ASP C 157 -3.18 19.03 17.46
C ASP C 157 -2.49 17.78 18.01
N GLN C 158 -1.17 17.84 18.12
CA GLN C 158 -0.41 16.80 18.83
C GLN C 158 -0.77 16.77 20.31
N GLN C 159 -1.19 15.60 20.79
CA GLN C 159 -1.59 15.41 22.19
C GLN C 159 -0.37 15.35 23.12
N ASP C 160 -0.43 16.10 24.22
CA ASP C 160 0.51 15.94 25.35
C ASP C 160 -0.02 14.98 26.44
N PRO D 6 3.04 -28.98 -14.08
CA PRO D 6 2.11 -28.53 -15.14
C PRO D 6 2.35 -27.07 -15.56
N LYS D 7 3.30 -26.40 -14.89
CA LYS D 7 3.70 -25.01 -15.16
C LYS D 7 2.94 -23.95 -14.31
N MET D 8 3.73 -23.23 -13.51
CA MET D 8 3.25 -22.16 -12.63
C MET D 8 2.45 -21.09 -13.41
N ARG D 9 1.29 -20.73 -12.87
CA ARG D 9 0.48 -19.64 -13.40
C ARG D 9 0.69 -18.40 -12.53
N LEU D 10 0.20 -17.26 -13.00
CA LEU D 10 0.30 -15.99 -12.26
C LEU D 10 -1.09 -15.60 -11.79
N PRO D 11 -1.18 -14.86 -10.67
CA PRO D 11 -2.45 -14.18 -10.35
C PRO D 11 -2.77 -13.21 -11.49
N THR D 12 -4.01 -12.77 -11.56
CA THR D 12 -4.41 -11.84 -12.63
C THR D 12 -3.63 -10.52 -12.55
N ARG D 13 -3.32 -10.08 -11.32
CA ARG D 13 -2.64 -8.79 -11.12
C ARG D 13 -1.61 -8.95 -10.02
N SER D 14 -0.37 -8.52 -10.30
CA SER D 14 0.77 -8.56 -9.37
C SER D 14 1.87 -7.59 -9.83
N ASP D 15 2.87 -7.37 -8.97
CA ASP D 15 4.06 -6.58 -9.29
C ASP D 15 3.73 -5.14 -9.67
N MET D 16 2.79 -4.55 -8.96
CA MET D 16 2.45 -3.15 -9.15
C MET D 16 2.58 -2.39 -7.86
N ILE D 17 2.97 -1.13 -7.97
CA ILE D 17 2.94 -0.28 -6.80
C ILE D 17 2.22 1.00 -7.21
N CYS D 18 1.29 1.47 -6.40
CA CYS D 18 0.47 2.63 -6.72
CA CYS D 18 0.53 2.67 -6.73
C CYS D 18 0.62 3.67 -5.61
N GLY D 19 1.15 4.84 -5.96
CA GLY D 19 1.28 5.97 -5.03
C GLY D 19 0.11 6.92 -5.19
N TYR D 20 -0.57 7.24 -4.08
CA TYR D 20 -1.72 8.14 -4.11
C TYR D 20 -1.40 9.43 -3.36
N ALA D 21 -1.78 10.56 -3.92
CA ALA D 21 -1.52 11.86 -3.29
C ALA D 21 -2.26 12.01 -1.95
N CYS D 22 -3.38 11.33 -1.80
CA CYS D 22 -4.19 11.51 -0.61
C CYS D 22 -4.91 10.23 -0.24
N LEU D 23 -5.60 10.23 0.90
CA LEU D 23 -6.37 9.04 1.33
C LEU D 23 -7.80 9.08 0.82
N LYS D 24 -8.42 7.90 0.78
CA LYS D 24 -9.83 7.73 0.46
C LYS D 24 -10.67 8.75 1.24
N GLY D 25 -11.47 9.53 0.53
CA GLY D 25 -12.36 10.53 1.16
C GLY D 25 -11.79 11.94 1.22
N THR D 26 -10.47 12.08 1.00
CA THR D 26 -9.79 13.35 1.27
C THR D 26 -9.28 14.05 0.00
N ALA D 27 -8.89 15.31 0.16
CA ALA D 27 -8.38 16.13 -0.94
C ALA D 27 -6.85 16.06 -1.05
N ALA D 28 -6.32 16.19 -2.28
CA ALA D 28 -4.88 16.40 -2.47
C ALA D 28 -4.72 17.89 -2.73
N MET D 29 -3.61 18.46 -2.25
CA MET D 29 -3.43 19.92 -2.30
C MET D 29 -2.42 20.34 -3.36
N ARG D 30 -2.61 21.55 -3.89
CA ARG D 30 -1.76 22.02 -4.96
C ARG D 30 -1.68 23.55 -4.92
N ASN D 31 -0.57 24.07 -5.40
CA ASN D 31 -0.30 25.50 -5.38
C ASN D 31 0.19 25.87 -6.80
N ALA D 32 -0.13 27.07 -7.28
CA ALA D 32 0.28 27.46 -8.63
C ALA D 32 1.80 27.53 -8.84
N LYS D 33 2.54 27.96 -7.81
CA LYS D 33 3.98 28.16 -7.97
C LYS D 33 4.77 26.87 -7.83
N ARG D 34 4.38 26.03 -6.88
CA ARG D 34 5.14 24.81 -6.60
C ARG D 34 4.48 23.51 -7.12
N GLY D 35 3.29 23.61 -7.68
CA GLY D 35 2.52 22.44 -8.12
C GLY D 35 1.91 21.65 -6.95
N SER D 36 1.61 20.38 -7.15
CA SER D 36 1.01 19.56 -6.10
C SER D 36 2.01 19.23 -5.01
N TRP D 37 1.57 19.19 -3.75
CA TRP D 37 2.46 18.81 -2.66
C TRP D 37 3.07 17.43 -2.94
N TYR D 38 2.25 16.51 -3.39
CA TYR D 38 2.68 15.11 -3.60
C TYR D 38 3.72 15.00 -4.69
N ILE D 39 3.46 15.59 -5.86
CA ILE D 39 4.43 15.53 -6.96
C ILE D 39 5.74 16.24 -6.58
N GLU D 40 5.64 17.35 -5.87
CA GLU D 40 6.79 18.11 -5.46
C GLU D 40 7.70 17.22 -4.59
N ALA D 41 7.10 16.57 -3.59
CA ALA D 41 7.78 15.65 -2.66
C ALA D 41 8.39 14.41 -3.37
N LEU D 42 7.59 13.82 -4.25
CA LEU D 42 8.03 12.68 -5.06
C LEU D 42 9.30 12.97 -5.83
N ALA D 43 9.34 14.09 -6.53
CA ALA D 43 10.51 14.45 -7.31
C ALA D 43 11.70 14.76 -6.40
N GLN D 44 11.46 15.40 -5.27
CA GLN D 44 12.56 15.70 -4.35
C GLN D 44 13.20 14.42 -3.84
N VAL D 45 12.37 13.49 -3.39
CA VAL D 45 12.87 12.24 -2.85
C VAL D 45 13.51 11.36 -3.92
N PHE D 46 12.82 11.14 -5.02
CA PHE D 46 13.36 10.20 -6.04
C PHE D 46 14.66 10.73 -6.62
N SER D 47 14.71 12.03 -6.90
CA SER D 47 15.93 12.53 -7.52
C SER D 47 17.13 12.36 -6.55
N GLU D 48 16.93 12.56 -5.26
CA GLU D 48 18.08 12.40 -4.33
C GLU D 48 18.38 10.98 -3.85
N ARG D 49 17.36 10.12 -3.81
CA ARG D 49 17.53 8.83 -3.13
C ARG D 49 17.31 7.62 -4.03
N ALA D 50 16.99 7.83 -5.29
CA ALA D 50 16.86 6.66 -6.20
C ALA D 50 18.14 5.86 -6.29
N CYS D 51 19.28 6.54 -6.08
CA CYS D 51 20.61 5.92 -6.08
C CYS D 51 20.81 4.86 -5.00
N ASP D 52 20.11 4.98 -3.86
CA ASP D 52 20.36 4.07 -2.77
C ASP D 52 19.14 3.58 -1.97
N MET D 53 17.92 3.87 -2.44
CA MET D 53 16.70 3.46 -1.74
CA MET D 53 16.71 3.46 -1.73
C MET D 53 15.72 2.87 -2.73
N HIS D 54 15.00 1.83 -2.32
CA HIS D 54 14.01 1.24 -3.22
C HIS D 54 12.72 2.05 -3.27
N VAL D 55 11.90 1.81 -4.29
CA VAL D 55 10.74 2.70 -4.52
C VAL D 55 9.77 2.74 -3.32
N ALA D 56 9.41 1.58 -2.78
CA ALA D 56 8.47 1.58 -1.66
C ALA D 56 9.05 2.41 -0.49
N ASP D 57 10.35 2.27 -0.25
CA ASP D 57 10.97 3.02 0.85
C ASP D 57 11.03 4.51 0.53
N MET D 58 11.21 4.85 -0.74
CA MET D 58 11.15 6.26 -1.12
C MET D 58 9.71 6.80 -0.92
N LEU D 59 8.69 5.98 -1.18
CA LEU D 59 7.32 6.47 -0.97
C LEU D 59 7.01 6.72 0.50
N VAL D 60 7.71 6.01 1.37
CA VAL D 60 7.62 6.24 2.82
C VAL D 60 8.23 7.62 3.20
N LYS D 61 9.36 7.97 2.60
CA LYS D 61 9.97 9.29 2.80
C LYS D 61 9.06 10.38 2.24
N VAL D 62 8.38 10.08 1.15
CA VAL D 62 7.34 11.00 0.66
C VAL D 62 6.20 11.23 1.66
N ASN D 63 5.66 10.13 2.19
CA ASN D 63 4.64 10.17 3.25
C ASN D 63 5.12 11.08 4.38
N ALA D 64 6.40 10.94 4.80
CA ALA D 64 6.93 11.77 5.88
C ALA D 64 6.88 13.26 5.56
N LEU D 65 7.26 13.62 4.33
CA LEU D 65 7.21 15.04 3.92
C LEU D 65 5.79 15.55 3.89
N ILE D 66 4.88 14.75 3.31
CA ILE D 66 3.46 15.14 3.20
C ILE D 66 2.84 15.32 4.58
N LYS D 67 3.12 14.39 5.51
CA LYS D 67 2.53 14.45 6.85
C LYS D 67 2.89 15.79 7.53
N ASP D 68 4.07 16.31 7.25
CA ASP D 68 4.54 17.54 7.93
C ASP D 68 4.09 18.85 7.29
N ARG D 69 3.66 18.81 6.04
CA ARG D 69 3.25 20.01 5.34
C ARG D 69 1.89 20.52 5.84
N GLU D 70 1.68 21.82 5.83
CA GLU D 70 0.31 22.32 6.07
C GLU D 70 -0.07 23.45 5.12
N GLY D 71 -1.36 23.62 4.91
CA GLY D 71 -1.86 24.47 3.85
C GLY D 71 -1.71 25.93 4.23
N TYR D 72 -1.41 26.76 3.24
CA TYR D 72 -1.46 28.21 3.39
C TYR D 72 -2.58 28.70 2.46
N ALA D 73 -3.70 29.13 3.05
CA ALA D 73 -4.86 29.62 2.30
C ALA D 73 -5.78 30.41 3.24
N PRO D 74 -5.26 31.42 3.91
CA PRO D 74 -6.08 32.08 4.95
C PRO D 74 -7.38 32.69 4.37
N GLY D 75 -8.47 32.64 5.13
CA GLY D 75 -9.79 33.08 4.64
C GLY D 75 -10.50 32.06 3.76
N THR D 76 -9.88 30.89 3.57
CA THR D 76 -10.56 29.82 2.84
C THR D 76 -10.66 28.59 3.72
N GLU D 77 -11.42 27.63 3.19
CA GLU D 77 -11.60 26.30 3.75
C GLU D 77 -10.29 25.55 4.08
N PHE D 78 -9.23 25.84 3.33
CA PHE D 78 -8.01 25.06 3.39
C PHE D 78 -6.88 25.62 4.23
N HIS D 79 -7.11 26.74 4.93
CA HIS D 79 -6.01 27.30 5.73
C HIS D 79 -5.60 26.31 6.83
N ARG D 80 -4.29 26.09 6.94
CA ARG D 80 -3.69 25.12 7.87
C ARG D 80 -4.19 23.67 7.68
N CYS D 81 -4.65 23.34 6.47
CA CYS D 81 -5.19 22.00 6.21
C CYS D 81 -4.05 20.97 6.11
N LYS D 82 -4.43 19.71 6.19
CA LYS D 82 -3.44 18.62 6.16
C LYS D 82 -3.76 17.66 5.01
N GLU D 83 -2.79 16.82 4.68
CA GLU D 83 -2.95 15.78 3.64
C GLU D 83 -2.11 14.59 4.10
N MET D 84 -2.53 13.38 3.72
CA MET D 84 -1.70 12.21 4.00
C MET D 84 -1.75 11.41 2.71
N SER D 85 -0.59 11.16 2.16
CA SER D 85 -0.44 10.32 0.98
C SER D 85 -0.33 8.86 1.44
N GLU D 86 -0.44 7.92 0.50
CA GLU D 86 -0.28 6.49 0.83
C GLU D 86 0.18 5.77 -0.42
N TYR D 87 0.63 4.55 -0.25
CA TYR D 87 0.89 3.72 -1.43
C TYR D 87 0.37 2.33 -1.16
N CYS D 88 -0.02 1.60 -2.21
CA CYS D 88 -0.43 0.20 -2.07
C CYS D 88 0.45 -0.64 -2.97
N SER D 89 0.85 -1.80 -2.51
CA SER D 89 1.84 -2.57 -3.26
C SER D 89 1.50 -4.03 -3.36
N THR D 90 1.60 -4.57 -4.58
CA THR D 90 1.69 -5.99 -4.85
C THR D 90 3.08 -6.36 -5.37
N LEU D 91 4.10 -5.57 -5.02
CA LEU D 91 5.47 -5.94 -5.41
C LEU D 91 5.90 -7.19 -4.63
N CYS D 92 6.81 -7.96 -5.22
CA CYS D 92 7.24 -9.23 -4.66
CA CYS D 92 7.24 -9.21 -4.60
C CYS D 92 8.72 -9.22 -4.30
N ARG D 93 9.40 -8.10 -4.54
CA ARG D 93 10.81 -7.90 -4.10
C ARG D 93 11.13 -6.41 -4.15
N HIS D 94 12.36 -6.04 -3.81
CA HIS D 94 12.79 -4.63 -3.82
C HIS D 94 12.76 -4.09 -5.23
N LEU D 95 12.26 -2.86 -5.37
CA LEU D 95 12.29 -2.15 -6.67
C LEU D 95 13.32 -1.02 -6.63
N TYR D 96 14.57 -1.31 -7.05
CA TYR D 96 15.62 -0.28 -7.20
C TYR D 96 15.65 0.19 -8.64
N LEU D 97 15.73 1.50 -8.83
CA LEU D 97 15.79 2.03 -10.20
C LEU D 97 17.22 2.07 -10.79
N PHE D 98 18.21 1.85 -9.93
CA PHE D 98 19.64 1.83 -10.34
C PHE D 98 20.04 2.94 -11.33
N PRO D 99 19.76 4.20 -10.98
CA PRO D 99 20.02 5.27 -11.95
C PRO D 99 21.51 5.42 -12.30
N GLY D 100 21.79 5.53 -13.59
CA GLY D 100 23.16 5.69 -14.06
C GLY D 100 24.01 4.44 -14.06
N HIS D 101 23.41 3.28 -13.76
CA HIS D 101 24.16 2.03 -13.81
C HIS D 101 23.61 1.10 -14.89
N PRO D 102 24.49 0.52 -15.72
CA PRO D 102 25.96 0.68 -15.72
C PRO D 102 26.38 2.02 -16.36
N PRO D 103 27.49 2.61 -15.88
CA PRO D 103 27.95 3.97 -16.22
C PRO D 103 27.56 4.53 -17.60
N VAL E 2 -1.78 30.47 -2.94
CA VAL E 2 -2.63 29.73 -2.00
C VAL E 2 -2.84 28.30 -2.45
N ASP E 3 -2.94 27.42 -1.45
CA ASP E 3 -3.13 26.00 -1.68
C ASP E 3 -4.60 25.77 -1.97
N VAL E 4 -4.86 24.93 -2.97
CA VAL E 4 -6.22 24.58 -3.39
C VAL E 4 -6.31 23.05 -3.56
N ALA E 5 -7.53 22.52 -3.61
CA ALA E 5 -7.75 21.06 -3.74
C ALA E 5 -7.80 20.51 -5.17
N VAL F 2 -8.72 -29.44 1.17
CA VAL F 2 -8.93 -28.65 -0.03
C VAL F 2 -9.05 -27.16 0.25
N ASP F 3 -8.64 -26.37 -0.73
CA ASP F 3 -8.70 -24.91 -0.66
C ASP F 3 -10.11 -24.39 -0.95
N VAL F 4 -10.56 -23.45 -0.12
CA VAL F 4 -11.88 -22.83 -0.25
C VAL F 4 -11.80 -21.31 -0.12
N ALA F 5 -12.85 -20.61 -0.55
CA ALA F 5 -12.93 -19.14 -0.51
C ALA F 5 -13.34 -18.54 0.86
#